data_3O75
#
_entry.id   3O75
#
_cell.length_a   37.711
_cell.length_b   120.220
_cell.length_c   61.860
_cell.angle_alpha   90.000
_cell.angle_beta   107.410
_cell.angle_gamma   90.000
#
_symmetry.space_group_name_H-M   'P 1 21 1'
#
loop_
_entity.id
_entity.type
_entity.pdbx_description
1 polymer 'Fructose transport system repressor FruR'
2 non-polymer 1-O-phosphono-beta-D-fructofuranose
3 water water
#
_entity_poly.entity_id   1
_entity_poly.type   'polypeptide(L)'
_entity_poly.pdbx_seq_one_letter_code
;HTRTLGFILPDLENPSYARIAKQLEQGARARGYQLLIASSDDQPDSERQLQQLFRARRCDALFVASCLPPEDDSYRELQD
KGLPVIAIDRRLDPAHFCSVISDDRDASRQLAASLLSSAPRSIALIGARPELSVSQARAGGFDEALQGYTGEVRRYQGEA
FSRECGQRLMQQLIDDLGGLPDALVTTSYVLLQGVFDTLQARPVDSRQLQLGTFGDNQLLDFLPLPVNAMAQQHGQIAAT
ALELALAAIEEKRYEPGVHAVGRTFKQRISVA
;
_entity_poly.pdbx_strand_id   A,B
#
loop_
_chem_comp.id
_chem_comp.type
_chem_comp.name
_chem_comp.formula
F1X D-saccharide, beta linking 1-O-phosphono-beta-D-fructofuranose 'C6 H13 O9 P'
#
# COMPACT_ATOMS: atom_id res chain seq x y z
N HIS A 1 -30.00 -9.91 2.22
CA HIS A 1 -28.69 -9.37 1.84
C HIS A 1 -27.73 -9.36 3.00
N THR A 2 -26.46 -9.67 2.73
CA THR A 2 -25.43 -9.70 3.77
C THR A 2 -24.82 -8.31 4.00
N ARG A 3 -25.07 -7.39 3.08
CA ARG A 3 -24.51 -6.05 3.16
C ARG A 3 -22.98 -6.05 3.17
N THR A 4 -22.39 -7.11 2.65
CA THR A 4 -20.95 -7.18 2.50
C THR A 4 -20.58 -7.34 1.03
N LEU A 5 -19.40 -6.84 0.66
CA LEU A 5 -18.89 -6.99 -0.69
C LEU A 5 -17.49 -7.58 -0.60
N GLY A 6 -17.10 -8.34 -1.61
CA GLY A 6 -15.78 -8.95 -1.64
C GLY A 6 -14.90 -8.38 -2.73
N PHE A 7 -13.59 -8.37 -2.48
CA PHE A 7 -12.65 -7.87 -3.47
C PHE A 7 -11.41 -8.76 -3.53
N ILE A 8 -11.28 -9.49 -4.64
CA ILE A 8 -10.06 -10.24 -4.91
C ILE A 8 -9.09 -9.39 -5.73
N LEU A 9 -7.93 -9.11 -5.15
CA LEU A 9 -6.89 -8.35 -5.82
C LEU A 9 -5.61 -9.17 -5.86
N PRO A 10 -4.72 -8.89 -6.82
CA PRO A 10 -3.48 -9.64 -7.04
C PRO A 10 -2.35 -9.37 -6.04
N ASP A 11 -2.20 -8.12 -5.59
CA ASP A 11 -1.04 -7.76 -4.79
C ASP A 11 -1.32 -6.63 -3.79
N LEU A 12 -1.29 -6.98 -2.51
CA LEU A 12 -1.52 -6.03 -1.43
C LEU A 12 -0.45 -4.97 -1.37
N GLU A 13 0.76 -5.30 -1.83
CA GLU A 13 1.87 -4.35 -1.82
C GLU A 13 2.02 -3.57 -3.13
N ASN A 14 1.05 -3.71 -4.02
CA ASN A 14 0.94 -2.80 -5.15
C ASN A 14 0.02 -1.66 -4.75
N PRO A 15 0.58 -0.46 -4.54
CA PRO A 15 -0.19 0.67 -4.01
C PRO A 15 -1.47 0.99 -4.77
N SER A 16 -1.49 0.75 -6.07
CA SER A 16 -2.71 0.99 -6.85
C SER A 16 -3.88 0.14 -6.38
N TYR A 17 -3.63 -1.14 -6.12
CA TYR A 17 -4.69 -2.01 -5.60
C TYR A 17 -5.11 -1.60 -4.19
N ALA A 18 -4.15 -1.29 -3.34
CA ALA A 18 -4.46 -0.82 -2.00
C ALA A 18 -5.34 0.42 -2.11
N ARG A 19 -5.02 1.27 -3.08
CA ARG A 19 -5.74 2.51 -3.33
C ARG A 19 -7.18 2.25 -3.77
N ILE A 20 -7.35 1.35 -4.72
CA ILE A 20 -8.68 1.01 -5.21
C ILE A 20 -9.50 0.39 -4.08
N ALA A 21 -8.89 -0.52 -3.35
CA ALA A 21 -9.57 -1.21 -2.25
C ALA A 21 -10.09 -0.24 -1.20
N LYS A 22 -9.26 0.74 -0.86
CA LYS A 22 -9.62 1.76 0.12
C LYS A 22 -10.75 2.64 -0.42
N GLN A 23 -10.62 3.04 -1.67
CA GLN A 23 -11.65 3.85 -2.32
C GLN A 23 -12.95 3.06 -2.32
N LEU A 24 -12.87 1.81 -2.74
CA LEU A 24 -14.00 0.89 -2.76
C LEU A 24 -14.64 0.81 -1.38
N GLU A 25 -13.79 0.70 -0.36
CA GLU A 25 -14.26 0.50 1.01
C GLU A 25 -15.01 1.71 1.57
N GLN A 26 -14.43 2.89 1.43
CA GLN A 26 -15.03 4.11 1.97
C GLN A 26 -16.35 4.42 1.28
N GLY A 27 -16.40 4.20 -0.04
CA GLY A 27 -17.62 4.36 -0.80
C GLY A 27 -18.66 3.33 -0.39
N ALA A 28 -18.22 2.09 -0.21
CA ALA A 28 -19.13 1.01 0.15
C ALA A 28 -19.75 1.24 1.53
N ARG A 29 -18.94 1.70 2.47
CA ARG A 29 -19.40 2.00 3.81
C ARG A 29 -20.48 3.08 3.81
N ALA A 30 -20.28 4.12 3.01
CA ALA A 30 -21.23 5.21 2.94
C ALA A 30 -22.58 4.76 2.39
N ARG A 31 -22.56 3.66 1.64
CA ARG A 31 -23.79 3.06 1.13
C ARG A 31 -24.25 1.89 2.00
N GLY A 32 -23.73 1.83 3.23
CA GLY A 32 -24.15 0.84 4.20
C GLY A 32 -23.61 -0.57 3.97
N TYR A 33 -22.52 -0.67 3.21
CA TYR A 33 -21.90 -1.96 2.93
C TYR A 33 -20.52 -2.08 3.55
N GLN A 34 -20.13 -3.31 3.89
CA GLN A 34 -18.78 -3.59 4.37
C GLN A 34 -17.99 -4.27 3.26
N LEU A 35 -16.67 -4.12 3.29
CA LEU A 35 -15.81 -4.70 2.26
C LEU A 35 -14.75 -5.64 2.82
N LEU A 36 -14.79 -6.89 2.36
CA LEU A 36 -13.78 -7.89 2.71
C LEU A 36 -12.81 -8.08 1.56
N ILE A 37 -11.52 -7.97 1.86
CA ILE A 37 -10.48 -8.00 0.83
C ILE A 37 -9.61 -9.25 0.98
N ALA A 38 -9.19 -9.82 -0.15
CA ALA A 38 -8.28 -10.95 -0.13
C ALA A 38 -7.37 -10.92 -1.34
N SER A 39 -6.16 -11.44 -1.18
CA SER A 39 -5.15 -11.39 -2.23
C SER A 39 -4.90 -12.74 -2.89
N SER A 40 -4.60 -12.73 -4.19
CA SER A 40 -4.37 -13.96 -4.94
C SER A 40 -2.90 -14.18 -5.26
N ASP A 41 -2.09 -13.13 -5.07
CA ASP A 41 -0.68 -13.15 -5.48
C ASP A 41 -0.51 -13.47 -6.97
N ASP A 42 -1.57 -13.24 -7.74
CA ASP A 42 -1.55 -13.49 -9.17
C ASP A 42 -1.35 -14.96 -9.52
N GLN A 43 -1.89 -15.85 -8.69
CA GLN A 43 -1.83 -17.28 -8.93
C GLN A 43 -3.23 -17.84 -9.10
N PRO A 44 -3.48 -18.53 -10.22
CA PRO A 44 -4.81 -19.09 -10.52
C PRO A 44 -5.32 -20.02 -9.42
N ASP A 45 -4.44 -20.85 -8.86
CA ASP A 45 -4.84 -21.74 -7.78
C ASP A 45 -5.42 -20.95 -6.60
N SER A 46 -4.64 -20.02 -6.07
CA SER A 46 -5.06 -19.22 -4.94
C SER A 46 -6.35 -18.46 -5.23
N GLU A 47 -6.47 -17.93 -6.44
CA GLU A 47 -7.66 -17.18 -6.84
C GLU A 47 -8.92 -18.05 -6.82
N ARG A 48 -8.78 -19.31 -7.24
CA ARG A 48 -9.91 -20.23 -7.23
C ARG A 48 -10.33 -20.56 -5.80
N GLN A 49 -9.34 -20.71 -4.91
CA GLN A 49 -9.62 -20.95 -3.49
C GLN A 49 -10.41 -19.80 -2.90
N LEU A 50 -10.05 -18.57 -3.27
CA LEU A 50 -10.76 -17.39 -2.81
C LEU A 50 -12.17 -17.37 -3.39
N GLN A 51 -12.28 -17.87 -4.63
CA GLN A 51 -13.57 -18.01 -5.28
C GLN A 51 -14.53 -18.71 -4.34
N GLN A 52 -14.10 -19.87 -3.85
CA GLN A 52 -14.91 -20.70 -2.97
C GLN A 52 -15.24 -19.94 -1.68
N LEU A 53 -14.29 -19.14 -1.20
CA LEU A 53 -14.46 -18.43 0.07
C LEU A 53 -15.56 -17.38 -0.01
N PHE A 54 -15.48 -16.48 -0.99
CA PHE A 54 -16.42 -15.36 -1.07
C PHE A 54 -17.85 -15.79 -1.35
N ARG A 55 -18.03 -16.97 -1.94
CA ARG A 55 -19.37 -17.50 -2.16
C ARG A 55 -19.92 -18.15 -0.89
N ALA A 56 -19.03 -18.74 -0.10
CA ALA A 56 -19.42 -19.30 1.20
C ALA A 56 -19.77 -18.18 2.16
N ARG A 57 -18.97 -17.12 2.13
CA ARG A 57 -19.27 -15.90 2.87
C ARG A 57 -20.56 -15.30 2.31
N ARG A 58 -20.97 -15.80 1.16
CA ARG A 58 -22.10 -15.24 0.41
C ARG A 58 -22.17 -13.72 0.48
N CYS A 59 -21.10 -13.06 0.03
CA CYS A 59 -21.12 -11.61 -0.14
C CYS A 59 -22.13 -11.27 -1.22
N ASP A 60 -22.68 -10.05 -1.16
CA ASP A 60 -23.69 -9.63 -2.12
C ASP A 60 -23.13 -9.53 -3.54
N ALA A 61 -21.91 -8.99 -3.66
CA ALA A 61 -21.25 -8.90 -4.95
C ALA A 61 -19.74 -9.04 -4.79
N LEU A 62 -19.06 -9.38 -5.89
CA LEU A 62 -17.63 -9.64 -5.86
C LEU A 62 -16.86 -8.86 -6.93
N PHE A 63 -15.97 -7.98 -6.49
CA PHE A 63 -15.03 -7.35 -7.41
C PHE A 63 -13.82 -8.27 -7.54
N VAL A 64 -13.21 -8.32 -8.72
CA VAL A 64 -12.04 -9.17 -8.91
C VAL A 64 -11.11 -8.67 -10.00
N ALA A 65 -9.84 -8.53 -9.67
CA ALA A 65 -8.80 -8.30 -10.67
C ALA A 65 -8.16 -9.64 -10.98
N SER A 66 -8.74 -10.35 -11.94
CA SER A 66 -8.41 -11.74 -12.19
C SER A 66 -7.09 -11.97 -12.91
N CYS A 67 -6.53 -13.17 -12.72
CA CYS A 67 -5.34 -13.60 -13.43
C CYS A 67 -5.69 -14.82 -14.26
N LEU A 68 -6.97 -15.18 -14.24
CA LEU A 68 -7.44 -16.40 -14.90
C LEU A 68 -7.56 -16.23 -16.40
N PRO A 69 -7.42 -17.35 -17.14
CA PRO A 69 -7.52 -17.39 -18.59
C PRO A 69 -8.90 -16.99 -19.08
N PRO A 70 -9.02 -16.73 -20.40
CA PRO A 70 -10.30 -16.61 -21.10
C PRO A 70 -10.89 -18.00 -21.34
N GLU A 71 -10.37 -18.99 -20.62
CA GLU A 71 -10.78 -20.37 -20.80
C GLU A 71 -11.13 -20.96 -19.44
N ASP A 72 -10.99 -20.14 -18.40
CA ASP A 72 -11.46 -20.50 -17.08
C ASP A 72 -12.91 -20.04 -16.95
N ASP A 73 -13.82 -20.99 -16.77
CA ASP A 73 -15.25 -20.72 -16.82
C ASP A 73 -15.85 -20.48 -15.42
N SER A 74 -14.98 -20.32 -14.43
CA SER A 74 -15.39 -20.29 -13.03
C SER A 74 -16.35 -19.15 -12.66
N TYR A 75 -16.06 -17.94 -13.16
CA TYR A 75 -16.89 -16.79 -12.81
C TYR A 75 -18.26 -16.85 -13.50
N ARG A 76 -18.36 -17.66 -14.55
CA ARG A 76 -19.65 -17.90 -15.18
C ARG A 76 -20.54 -18.74 -14.27
N GLU A 77 -19.96 -19.77 -13.67
CA GLU A 77 -20.69 -20.61 -12.72
C GLU A 77 -21.20 -19.77 -11.55
N LEU A 78 -20.31 -18.99 -10.96
CA LEU A 78 -20.66 -18.15 -9.83
C LEU A 78 -21.74 -17.14 -10.20
N GLN A 79 -21.61 -16.54 -11.38
CA GLN A 79 -22.54 -15.53 -11.83
C GLN A 79 -23.92 -16.11 -12.08
N ASP A 80 -23.96 -17.32 -12.65
CA ASP A 80 -25.22 -18.01 -12.90
C ASP A 80 -25.91 -18.39 -11.60
N LYS A 81 -25.12 -18.60 -10.55
CA LYS A 81 -25.67 -18.90 -9.24
C LYS A 81 -26.16 -17.63 -8.54
N GLY A 82 -26.25 -16.55 -9.30
CA GLY A 82 -26.86 -15.33 -8.80
C GLY A 82 -25.92 -14.28 -8.23
N LEU A 83 -24.65 -14.63 -8.07
CA LEU A 83 -23.65 -13.69 -7.55
C LEU A 83 -23.13 -12.74 -8.64
N PRO A 84 -23.38 -11.44 -8.48
CA PRO A 84 -22.83 -10.45 -9.42
C PRO A 84 -21.32 -10.40 -9.31
N VAL A 85 -20.63 -10.60 -10.43
CA VAL A 85 -19.18 -10.50 -10.48
C VAL A 85 -18.78 -9.28 -11.30
N ILE A 86 -17.83 -8.50 -10.78
CA ILE A 86 -17.43 -7.26 -11.45
C ILE A 86 -15.93 -7.14 -11.62
N ALA A 87 -15.49 -7.13 -12.88
CA ALA A 87 -14.07 -7.05 -13.17
C ALA A 87 -13.50 -5.66 -12.94
N ILE A 88 -12.30 -5.61 -12.40
CA ILE A 88 -11.56 -4.37 -12.24
C ILE A 88 -10.16 -4.59 -12.77
N ASP A 89 -9.62 -3.58 -13.46
CA ASP A 89 -8.28 -3.63 -14.01
C ASP A 89 -8.15 -4.64 -15.15
N ARG A 90 -8.20 -5.93 -14.85
CA ARG A 90 -8.19 -6.95 -15.90
C ARG A 90 -9.61 -7.30 -16.34
N ARG A 91 -9.90 -7.08 -17.61
CA ARG A 91 -11.25 -7.34 -18.14
C ARG A 91 -11.61 -8.81 -18.08
N LEU A 92 -12.90 -9.08 -17.85
CA LEU A 92 -13.44 -10.41 -18.03
C LEU A 92 -14.29 -10.40 -19.30
N ASP A 93 -14.68 -11.59 -19.78
CA ASP A 93 -15.43 -11.70 -21.02
C ASP A 93 -16.53 -10.64 -21.13
N PRO A 94 -16.35 -9.69 -22.07
CA PRO A 94 -17.29 -8.58 -22.25
C PRO A 94 -18.67 -9.03 -22.70
N ALA A 95 -18.77 -10.24 -23.25
CA ALA A 95 -20.06 -10.78 -23.64
C ALA A 95 -20.90 -11.13 -22.42
N HIS A 96 -20.25 -11.59 -21.35
CA HIS A 96 -20.95 -11.99 -20.14
C HIS A 96 -20.80 -10.98 -18.99
N PHE A 97 -19.59 -10.47 -18.79
CA PHE A 97 -19.27 -9.71 -17.59
C PHE A 97 -19.21 -8.19 -17.80
N CYS A 98 -19.19 -7.48 -16.68
CA CYS A 98 -19.09 -6.04 -16.67
C CYS A 98 -17.75 -5.62 -16.03
N SER A 99 -16.88 -5.00 -16.82
CA SER A 99 -15.52 -4.71 -16.37
C SER A 99 -15.20 -3.22 -16.32
N VAL A 100 -14.39 -2.82 -15.34
CA VAL A 100 -13.89 -1.46 -15.25
C VAL A 100 -12.37 -1.47 -15.39
N ILE A 101 -11.85 -0.83 -16.43
CA ILE A 101 -10.44 -0.90 -16.75
C ILE A 101 -9.92 0.44 -17.26
N SER A 102 -8.60 0.54 -17.43
CA SER A 102 -7.96 1.73 -18.00
C SER A 102 -7.81 1.59 -19.52
N ASP A 103 -7.49 2.70 -20.17
CA ASP A 103 -7.18 2.68 -21.60
C ASP A 103 -5.72 2.26 -21.80
N ASP A 104 -5.42 1.01 -21.47
CA ASP A 104 -4.05 0.52 -21.48
C ASP A 104 -3.30 0.75 -22.80
N ARG A 105 -3.92 0.37 -23.91
CA ARG A 105 -3.30 0.51 -25.21
C ARG A 105 -2.95 1.97 -25.53
N ASP A 106 -3.92 2.86 -25.41
CA ASP A 106 -3.70 4.28 -25.71
C ASP A 106 -2.74 4.95 -24.74
N ALA A 107 -2.83 4.57 -23.46
CA ALA A 107 -1.94 5.14 -22.45
C ALA A 107 -0.50 4.78 -22.76
N SER A 108 -0.25 3.50 -23.06
CA SER A 108 1.10 3.05 -23.39
C SER A 108 1.62 3.76 -24.64
N ARG A 109 0.79 3.81 -25.68
CA ARG A 109 1.17 4.46 -26.93
C ARG A 109 1.58 5.91 -26.67
N GLN A 110 0.70 6.64 -25.99
CA GLN A 110 0.98 8.04 -25.68
C GLN A 110 2.26 8.16 -24.86
N LEU A 111 2.48 7.20 -23.97
CA LEU A 111 3.66 7.23 -23.11
C LEU A 111 4.96 7.01 -23.90
N ALA A 112 5.01 5.95 -24.68
CA ALA A 112 6.21 5.67 -25.48
C ALA A 112 6.51 6.80 -26.46
N ALA A 113 5.45 7.34 -27.06
CA ALA A 113 5.60 8.42 -28.04
C ALA A 113 6.27 9.64 -27.43
N SER A 114 5.95 9.93 -26.18
CA SER A 114 6.50 11.10 -25.50
C SER A 114 8.01 10.97 -25.29
N LEU A 115 8.48 9.73 -25.16
CA LEU A 115 9.91 9.49 -25.03
C LEU A 115 10.63 9.61 -26.37
N LEU A 116 9.95 9.19 -27.44
CA LEU A 116 10.52 9.17 -28.79
C LEU A 116 10.87 10.55 -29.31
N SER A 117 10.05 11.53 -28.96
CA SER A 117 10.23 12.90 -29.45
C SER A 117 11.60 13.46 -29.08
N SER A 118 12.29 12.80 -28.16
CA SER A 118 13.63 13.23 -27.76
C SER A 118 14.69 12.60 -28.66
N ALA A 119 14.26 11.72 -29.55
CA ALA A 119 15.15 11.02 -30.49
C ALA A 119 16.20 10.16 -29.79
N PRO A 120 15.74 9.22 -28.96
CA PRO A 120 16.67 8.28 -28.30
C PRO A 120 17.33 7.35 -29.31
N ARG A 121 18.57 6.95 -29.05
CA ARG A 121 19.25 6.02 -29.93
C ARG A 121 18.76 4.59 -29.68
N SER A 122 18.11 4.40 -28.54
CA SER A 122 17.53 3.12 -28.19
C SER A 122 16.42 3.33 -27.17
N ILE A 123 15.46 2.41 -27.14
CA ILE A 123 14.35 2.49 -26.20
C ILE A 123 13.87 1.08 -25.85
N ALA A 124 13.45 0.88 -24.61
CA ALA A 124 13.08 -0.45 -24.14
C ALA A 124 11.73 -0.50 -23.45
N LEU A 125 11.12 -1.67 -23.48
CA LEU A 125 9.90 -1.93 -22.72
C LEU A 125 10.23 -2.91 -21.61
N ILE A 126 9.79 -2.61 -20.40
CA ILE A 126 9.87 -3.57 -19.30
C ILE A 126 8.49 -3.84 -18.72
N GLY A 127 8.02 -5.07 -18.90
CA GLY A 127 6.72 -5.48 -18.42
C GLY A 127 6.77 -6.85 -17.76
N ALA A 128 5.61 -7.45 -17.56
CA ALA A 128 5.53 -8.75 -16.91
C ALA A 128 4.22 -9.44 -17.29
N ARG A 129 4.16 -10.75 -17.08
CA ARG A 129 2.95 -11.53 -17.36
C ARG A 129 2.47 -11.31 -18.80
N PRO A 130 3.34 -11.54 -19.78
CA PRO A 130 3.03 -11.25 -21.17
C PRO A 130 1.69 -11.82 -21.64
N GLU A 131 1.23 -12.90 -21.01
CA GLU A 131 -0.01 -13.55 -21.43
C GLU A 131 -1.25 -12.77 -21.03
N LEU A 132 -1.16 -11.99 -19.96
CA LEU A 132 -2.31 -11.21 -19.49
C LEU A 132 -2.82 -10.21 -20.52
N SER A 133 -4.14 -10.04 -20.55
CA SER A 133 -4.77 -9.10 -21.46
C SER A 133 -4.19 -7.70 -21.29
N VAL A 134 -4.07 -7.27 -20.04
CA VAL A 134 -3.60 -5.92 -19.76
C VAL A 134 -2.18 -5.72 -20.27
N SER A 135 -1.38 -6.79 -20.20
CA SER A 135 0.00 -6.74 -20.65
C SER A 135 0.08 -6.71 -22.18
N GLN A 136 -0.79 -7.47 -22.83
CA GLN A 136 -0.84 -7.50 -24.29
C GLN A 136 -1.22 -6.15 -24.86
N ALA A 137 -2.13 -5.45 -24.19
CA ALA A 137 -2.53 -4.12 -24.62
C ALA A 137 -1.39 -3.11 -24.46
N ARG A 138 -0.66 -3.22 -23.36
CA ARG A 138 0.44 -2.30 -23.09
C ARG A 138 1.64 -2.53 -24.00
N ALA A 139 1.94 -3.79 -24.29
CA ALA A 139 3.00 -4.09 -25.26
C ALA A 139 2.59 -3.60 -26.65
N GLY A 140 1.29 -3.74 -26.95
CA GLY A 140 0.76 -3.32 -28.24
C GLY A 140 0.86 -1.82 -28.48
N GLY A 141 0.43 -1.03 -27.49
CA GLY A 141 0.49 0.42 -27.63
C GLY A 141 1.91 0.90 -27.81
N PHE A 142 2.84 0.26 -27.10
CA PHE A 142 4.26 0.55 -27.21
C PHE A 142 4.77 0.24 -28.61
N ASP A 143 4.39 -0.92 -29.13
CA ASP A 143 4.79 -1.30 -30.47
C ASP A 143 4.30 -0.29 -31.51
N GLU A 144 3.05 0.17 -31.35
CA GLU A 144 2.46 1.13 -32.28
C GLU A 144 3.23 2.44 -32.33
N ALA A 145 3.54 2.98 -31.16
CA ALA A 145 4.28 4.23 -31.08
C ALA A 145 5.60 4.11 -31.80
N LEU A 146 6.09 2.88 -31.92
CA LEU A 146 7.42 2.62 -32.44
C LEU A 146 7.51 2.43 -33.95
N GLN A 147 6.36 2.38 -34.63
CA GLN A 147 6.38 2.24 -36.09
C GLN A 147 7.19 3.37 -36.73
N GLY A 148 8.14 3.00 -37.57
CA GLY A 148 8.98 3.98 -38.24
C GLY A 148 10.26 4.31 -37.51
N TYR A 149 10.33 3.93 -36.23
CA TYR A 149 11.53 4.16 -35.43
C TYR A 149 12.69 3.31 -35.95
N THR A 150 13.89 3.88 -35.97
CA THR A 150 15.04 3.22 -36.59
C THR A 150 16.11 2.80 -35.59
N GLY A 151 15.99 3.27 -34.36
CA GLY A 151 16.96 2.95 -33.32
C GLY A 151 16.83 1.54 -32.77
N GLU A 152 17.65 1.21 -31.78
CA GLU A 152 17.59 -0.08 -31.14
C GLU A 152 16.34 -0.20 -30.28
N VAL A 153 15.65 -1.34 -30.37
CA VAL A 153 14.48 -1.58 -29.53
C VAL A 153 14.61 -2.88 -28.77
N ARG A 154 14.32 -2.84 -27.47
CA ARG A 154 14.37 -4.02 -26.64
C ARG A 154 13.06 -4.20 -25.87
N ARG A 155 12.63 -5.44 -25.72
CA ARG A 155 11.43 -5.74 -24.96
C ARG A 155 11.71 -6.85 -23.95
N TYR A 156 11.47 -6.55 -22.68
CA TYR A 156 11.67 -7.50 -21.61
C TYR A 156 10.41 -7.64 -20.77
N GLN A 157 9.82 -8.83 -20.78
CA GLN A 157 8.62 -9.08 -20.01
C GLN A 157 8.83 -10.25 -19.05
N GLY A 158 8.59 -9.99 -17.76
CA GLY A 158 8.96 -10.92 -16.72
C GLY A 158 7.86 -11.84 -16.21
N GLU A 159 8.21 -12.60 -15.18
CA GLU A 159 7.33 -13.59 -14.60
C GLU A 159 6.30 -12.95 -13.65
N ALA A 160 6.57 -11.74 -13.19
CA ALA A 160 5.70 -11.13 -12.17
C ALA A 160 5.82 -9.60 -12.11
N PHE A 161 4.70 -8.95 -11.80
CA PHE A 161 4.70 -7.52 -11.53
C PHE A 161 5.26 -7.26 -10.14
N SER A 162 6.59 -7.23 -10.03
CA SER A 162 7.25 -7.05 -8.75
C SER A 162 8.51 -6.22 -8.88
N ARG A 163 8.87 -5.56 -7.79
CA ARG A 163 10.09 -4.77 -7.70
C ARG A 163 11.32 -5.60 -8.00
N GLU A 164 11.36 -6.83 -7.48
CA GLU A 164 12.49 -7.70 -7.69
C GLU A 164 12.61 -8.09 -9.16
N CYS A 165 11.48 -8.37 -9.78
CA CYS A 165 11.47 -8.73 -11.19
C CYS A 165 11.92 -7.56 -12.05
N GLY A 166 11.49 -6.35 -11.67
CA GLY A 166 11.90 -5.16 -12.39
C GLY A 166 13.40 -4.97 -12.35
N GLN A 167 14.00 -5.33 -11.22
CA GLN A 167 15.45 -5.22 -11.04
C GLN A 167 16.18 -6.17 -11.98
N ARG A 168 15.75 -7.42 -12.01
CA ARG A 168 16.38 -8.44 -12.86
C ARG A 168 16.31 -8.06 -14.33
N LEU A 169 15.15 -7.62 -14.78
CA LEU A 169 14.97 -7.24 -16.17
C LEU A 169 15.90 -6.09 -16.52
N MET A 170 15.96 -5.08 -15.66
CA MET A 170 16.81 -3.92 -15.92
C MET A 170 18.27 -4.34 -16.06
N GLN A 171 18.67 -5.34 -15.29
CA GLN A 171 20.05 -5.84 -15.33
C GLN A 171 20.29 -6.59 -16.64
N GLN A 172 19.31 -7.40 -17.04
CA GLN A 172 19.38 -8.07 -18.33
C GLN A 172 19.52 -7.07 -19.47
N LEU A 173 18.73 -6.00 -19.41
CA LEU A 173 18.69 -4.99 -20.46
C LEU A 173 20.01 -4.24 -20.63
N ILE A 174 20.62 -3.88 -19.50
CA ILE A 174 21.87 -3.12 -19.52
C ILE A 174 23.03 -3.95 -20.08
N ASP A 175 23.06 -5.22 -19.74
CA ASP A 175 24.06 -6.14 -20.28
C ASP A 175 23.83 -6.31 -21.78
N ASP A 176 22.57 -6.25 -22.19
CA ASP A 176 22.21 -6.35 -23.60
C ASP A 176 22.81 -5.19 -24.38
N LEU A 177 22.59 -3.97 -23.88
CA LEU A 177 22.99 -2.77 -24.59
C LEU A 177 24.42 -2.32 -24.29
N GLY A 178 25.01 -2.91 -23.25
CA GLY A 178 26.33 -2.47 -22.79
C GLY A 178 26.22 -1.13 -22.11
N GLY A 179 25.02 -0.82 -21.64
CA GLY A 179 24.74 0.45 -20.97
C GLY A 179 23.25 0.70 -20.88
N LEU A 180 22.89 1.82 -20.25
CA LEU A 180 21.49 2.21 -20.13
C LEU A 180 20.91 2.49 -21.51
N PRO A 181 19.63 2.14 -21.70
CA PRO A 181 18.93 2.58 -22.91
C PRO A 181 18.70 4.08 -22.82
N ASP A 182 18.60 4.77 -23.96
CA ASP A 182 18.34 6.20 -23.96
C ASP A 182 16.94 6.49 -23.42
N ALA A 183 16.06 5.51 -23.54
CA ALA A 183 14.68 5.68 -23.10
C ALA A 183 14.10 4.33 -22.66
N LEU A 184 13.17 4.38 -21.70
CA LEU A 184 12.63 3.16 -21.09
C LEU A 184 11.18 3.36 -20.65
N VAL A 185 10.33 2.37 -20.94
CA VAL A 185 8.94 2.39 -20.48
C VAL A 185 8.66 1.19 -19.57
N THR A 186 8.17 1.47 -18.36
CA THR A 186 7.74 0.40 -17.46
C THR A 186 6.21 0.35 -17.40
N THR A 187 5.67 -0.87 -17.38
CA THR A 187 4.22 -1.08 -17.45
C THR A 187 3.51 -1.09 -16.09
N SER A 188 4.24 -0.76 -15.04
CA SER A 188 3.67 -0.67 -13.70
C SER A 188 4.70 0.00 -12.81
N TYR A 189 4.26 0.82 -11.85
CA TYR A 189 5.24 1.54 -11.03
C TYR A 189 6.09 0.56 -10.23
N VAL A 190 5.47 -0.54 -9.81
CA VAL A 190 6.16 -1.55 -9.04
C VAL A 190 7.40 -2.06 -9.76
N LEU A 191 7.33 -2.17 -11.09
CA LEU A 191 8.50 -2.59 -11.86
C LEU A 191 9.54 -1.47 -11.86
N LEU A 192 9.10 -0.23 -11.96
CA LEU A 192 10.01 0.91 -11.99
C LEU A 192 10.88 0.97 -10.72
N GLN A 193 10.32 0.52 -9.61
CA GLN A 193 11.07 0.51 -8.36
C GLN A 193 12.30 -0.36 -8.51
N GLY A 194 12.12 -1.53 -9.11
CA GLY A 194 13.21 -2.45 -9.37
C GLY A 194 14.25 -1.81 -10.26
N VAL A 195 13.78 -1.00 -11.21
CA VAL A 195 14.68 -0.24 -12.08
C VAL A 195 15.51 0.74 -11.26
N PHE A 196 14.86 1.46 -10.35
CA PHE A 196 15.58 2.41 -9.49
C PHE A 196 16.67 1.72 -8.67
N ASP A 197 16.36 0.55 -8.13
CA ASP A 197 17.35 -0.23 -7.39
C ASP A 197 18.58 -0.47 -8.27
N THR A 198 18.35 -0.93 -9.50
CA THR A 198 19.44 -1.19 -10.44
C THR A 198 20.26 0.06 -10.75
N LEU A 199 19.57 1.20 -10.88
CA LEU A 199 20.24 2.45 -11.20
C LEU A 199 21.17 2.89 -10.08
N GLN A 200 20.78 2.59 -8.84
CA GLN A 200 21.55 3.03 -7.67
C GLN A 200 22.91 2.34 -7.52
N ALA A 201 23.04 1.14 -8.06
CA ALA A 201 24.31 0.43 -8.02
C ALA A 201 25.35 1.13 -8.90
N ARG A 202 24.87 2.00 -9.78
CA ARG A 202 25.73 2.76 -10.69
C ARG A 202 26.12 4.10 -10.07
N PRO A 203 27.22 4.69 -10.58
CA PRO A 203 27.64 6.03 -10.15
C PRO A 203 26.47 7.01 -10.26
N VAL A 204 26.46 8.05 -9.43
CA VAL A 204 25.39 9.02 -9.46
C VAL A 204 25.30 9.71 -10.82
N ASP A 205 26.37 9.61 -11.58
CA ASP A 205 26.46 10.25 -12.90
C ASP A 205 26.09 9.33 -14.06
N SER A 206 25.83 8.05 -13.77
CA SER A 206 25.46 7.11 -14.81
C SER A 206 24.02 6.64 -14.64
N ARG A 207 23.13 7.58 -14.33
CA ARG A 207 21.74 7.23 -14.04
C ARG A 207 20.73 7.98 -14.88
N GLN A 208 21.21 8.78 -15.84
CA GLN A 208 20.31 9.56 -16.68
C GLN A 208 19.79 8.76 -17.87
N LEU A 209 18.48 8.81 -18.06
CA LEU A 209 17.81 8.25 -19.24
C LEU A 209 16.37 8.76 -19.26
N GLN A 210 15.76 8.75 -20.43
CA GLN A 210 14.37 9.14 -20.55
C GLN A 210 13.49 8.01 -20.01
N LEU A 211 12.65 8.34 -19.04
CA LEU A 211 11.87 7.34 -18.33
C LEU A 211 10.38 7.61 -18.45
N GLY A 212 9.62 6.59 -18.83
CA GLY A 212 8.18 6.66 -18.81
C GLY A 212 7.63 5.45 -18.08
N THR A 213 6.60 5.65 -17.25
CA THR A 213 6.05 4.54 -16.49
C THR A 213 4.54 4.59 -16.35
N PHE A 214 3.93 3.42 -16.30
CA PHE A 214 2.59 3.28 -15.79
C PHE A 214 2.63 3.47 -14.28
N GLY A 215 1.58 4.08 -13.73
CA GLY A 215 1.57 4.40 -12.31
C GLY A 215 2.23 5.74 -12.04
N ASP A 216 2.27 6.09 -10.76
CA ASP A 216 2.83 7.37 -10.33
C ASP A 216 3.17 7.28 -8.85
N ASN A 217 4.06 8.14 -8.38
CA ASN A 217 4.46 8.10 -6.97
C ASN A 217 5.01 9.46 -6.52
N GLN A 218 4.83 9.77 -5.25
CA GLN A 218 5.29 11.04 -4.70
C GLN A 218 6.76 11.23 -5.00
N LEU A 219 7.51 10.13 -4.92
CA LEU A 219 8.95 10.15 -5.16
C LEU A 219 9.31 10.78 -6.50
N LEU A 220 8.45 10.62 -7.51
CA LEU A 220 8.74 11.13 -8.85
C LEU A 220 8.68 12.66 -8.93
N ASP A 221 8.17 13.30 -7.88
CA ASP A 221 8.11 14.75 -7.82
C ASP A 221 9.39 15.36 -7.24
N PHE A 222 10.16 14.52 -6.56
CA PHE A 222 11.40 15.00 -5.91
C PHE A 222 12.65 14.50 -6.63
N LEU A 223 12.47 13.52 -7.51
CA LEU A 223 13.60 12.98 -8.26
C LEU A 223 14.23 14.07 -9.10
N PRO A 224 15.57 14.10 -9.16
CA PRO A 224 16.25 15.02 -10.07
C PRO A 224 15.92 14.61 -11.50
N LEU A 225 15.89 13.31 -11.72
CA LEU A 225 15.54 12.72 -13.00
C LEU A 225 14.02 12.72 -13.19
N PRO A 226 13.52 13.54 -14.13
CA PRO A 226 12.09 13.65 -14.43
C PRO A 226 11.52 12.37 -15.03
N VAL A 227 10.28 12.03 -14.66
CA VAL A 227 9.65 10.82 -15.15
C VAL A 227 8.22 11.10 -15.64
N ASN A 228 7.95 10.75 -16.90
CA ASN A 228 6.59 10.80 -17.41
C ASN A 228 5.77 9.64 -16.88
N ALA A 229 4.54 9.92 -16.46
CA ALA A 229 3.74 8.92 -15.77
C ALA A 229 2.30 8.90 -16.23
N MET A 230 1.74 7.69 -16.34
CA MET A 230 0.32 7.52 -16.63
C MET A 230 -0.36 6.94 -15.39
N ALA A 231 -0.95 7.81 -14.59
CA ALA A 231 -1.57 7.41 -13.34
C ALA A 231 -3.03 7.00 -13.54
N GLN A 232 -3.46 5.94 -12.85
CA GLN A 232 -4.85 5.52 -12.88
C GLN A 232 -5.70 6.57 -12.17
N GLN A 233 -6.97 6.63 -12.56
CA GLN A 233 -7.95 7.37 -11.78
C GLN A 233 -8.60 6.40 -10.79
N HIS A 234 -7.86 6.06 -9.73
CA HIS A 234 -8.29 5.04 -8.80
C HIS A 234 -9.68 5.30 -8.26
N GLY A 235 -9.93 6.56 -7.90
CA GLY A 235 -11.22 6.95 -7.35
C GLY A 235 -12.37 6.79 -8.32
N GLN A 236 -12.14 7.17 -9.58
CA GLN A 236 -13.16 7.03 -10.59
C GLN A 236 -13.41 5.55 -10.90
N ILE A 237 -12.34 4.77 -10.96
CA ILE A 237 -12.46 3.34 -11.21
C ILE A 237 -13.31 2.68 -10.12
N ALA A 238 -13.01 2.98 -8.86
CA ALA A 238 -13.74 2.40 -7.74
C ALA A 238 -15.20 2.85 -7.70
N ALA A 239 -15.44 4.13 -7.95
CA ALA A 239 -16.79 4.67 -7.93
C ALA A 239 -17.66 3.99 -8.98
N THR A 240 -17.11 3.82 -10.18
CA THR A 240 -17.84 3.18 -11.27
C THR A 240 -18.10 1.70 -10.98
N ALA A 241 -17.06 1.00 -10.54
CA ALA A 241 -17.19 -0.42 -10.21
C ALA A 241 -18.25 -0.59 -9.13
N LEU A 242 -18.27 0.33 -8.17
CA LEU A 242 -19.22 0.25 -7.08
C LEU A 242 -20.65 0.49 -7.58
N GLU A 243 -20.79 1.49 -8.44
CA GLU A 243 -22.09 1.81 -9.03
C GLU A 243 -22.66 0.59 -9.74
N LEU A 244 -21.80 -0.11 -10.49
CA LEU A 244 -22.22 -1.32 -11.19
C LEU A 244 -22.59 -2.45 -10.22
N ALA A 245 -21.89 -2.52 -9.10
CA ALA A 245 -22.16 -3.56 -8.11
C ALA A 245 -23.53 -3.40 -7.48
N LEU A 246 -23.83 -2.19 -7.02
CA LEU A 246 -25.09 -1.94 -6.34
C LEU A 246 -26.28 -2.16 -7.27
N ALA A 247 -26.22 -1.61 -8.47
CA ALA A 247 -27.29 -1.77 -9.44
C ALA A 247 -27.57 -3.25 -9.70
N ALA A 248 -26.51 -4.04 -9.83
CA ALA A 248 -26.66 -5.47 -10.04
C ALA A 248 -27.29 -6.13 -8.81
N ILE A 249 -26.93 -5.62 -7.64
CA ILE A 249 -27.47 -6.10 -6.38
C ILE A 249 -28.94 -5.75 -6.21
N GLU A 250 -29.25 -4.46 -6.31
CA GLU A 250 -30.56 -3.93 -5.94
C GLU A 250 -31.51 -3.69 -7.12
N GLU A 251 -31.24 -4.32 -8.25
CA GLU A 251 -32.07 -4.14 -9.44
C GLU A 251 -31.98 -5.33 -10.40
N LYS A 252 -31.12 -6.28 -10.07
CA LYS A 252 -30.89 -7.44 -10.93
C LYS A 252 -30.49 -7.03 -12.34
N ARG A 253 -30.39 -5.72 -12.56
CA ARG A 253 -29.93 -5.20 -13.85
C ARG A 253 -28.42 -5.39 -13.97
N TYR A 254 -27.99 -5.99 -15.07
CA TYR A 254 -26.60 -6.33 -15.26
C TYR A 254 -26.31 -6.55 -16.74
N GLU A 255 -25.82 -5.51 -17.40
CA GLU A 255 -25.49 -5.58 -18.82
C GLU A 255 -23.98 -5.64 -19.00
N PRO A 256 -23.50 -6.73 -19.61
CA PRO A 256 -22.07 -6.89 -19.89
C PRO A 256 -21.53 -5.69 -20.68
N GLY A 257 -20.21 -5.60 -20.77
CA GLY A 257 -19.58 -4.48 -21.44
C GLY A 257 -18.38 -3.98 -20.66
N VAL A 258 -17.54 -3.20 -21.35
CA VAL A 258 -16.34 -2.65 -20.74
C VAL A 258 -16.44 -1.15 -20.55
N HIS A 259 -16.24 -0.70 -19.33
CA HIS A 259 -16.20 0.73 -19.02
C HIS A 259 -14.75 1.16 -18.83
N ALA A 260 -14.22 1.87 -19.82
CA ALA A 260 -12.83 2.30 -19.78
C ALA A 260 -12.67 3.63 -19.04
N VAL A 261 -11.59 3.74 -18.27
CA VAL A 261 -11.27 4.97 -17.57
C VAL A 261 -9.84 5.38 -17.94
N GLY A 262 -9.71 6.54 -18.57
CA GLY A 262 -8.42 7.01 -19.03
C GLY A 262 -7.44 7.26 -17.89
N ARG A 263 -6.16 7.01 -18.16
CA ARG A 263 -5.13 7.34 -17.19
C ARG A 263 -4.75 8.82 -17.29
N THR A 264 -4.31 9.39 -16.17
CA THR A 264 -3.86 10.78 -16.16
C THR A 264 -2.38 10.87 -16.55
N PHE A 265 -2.08 11.66 -17.57
CA PHE A 265 -0.71 11.81 -18.06
C PHE A 265 0.02 12.92 -17.29
N LYS A 266 1.03 12.53 -16.51
CA LYS A 266 1.88 13.49 -15.85
C LYS A 266 3.17 13.62 -16.65
N GLN A 267 3.27 14.65 -17.46
CA GLN A 267 4.43 14.84 -18.33
C GLN A 267 5.49 15.74 -17.70
N ARG A 268 6.37 15.13 -16.91
CA ARG A 268 7.44 15.87 -16.23
C ARG A 268 8.60 16.18 -17.16
N ILE A 269 8.75 15.37 -18.21
CA ILE A 269 9.80 15.59 -19.20
C ILE A 269 9.37 16.67 -20.20
N SER A 270 10.12 17.76 -20.24
CA SER A 270 9.82 18.88 -21.12
C SER A 270 9.97 18.51 -22.60
N HIS B 1 -14.71 -24.43 13.15
CA HIS B 1 -13.66 -24.02 12.22
C HIS B 1 -14.19 -23.47 10.91
N THR B 2 -13.37 -22.67 10.24
CA THR B 2 -13.66 -22.17 8.90
C THR B 2 -12.37 -22.15 8.10
N ARG B 3 -11.25 -22.28 8.80
CA ARG B 3 -9.93 -22.24 8.17
C ARG B 3 -9.60 -20.88 7.58
N THR B 4 -10.29 -19.85 8.06
CA THR B 4 -10.01 -18.49 7.62
C THR B 4 -9.69 -17.58 8.81
N LEU B 5 -8.73 -16.69 8.58
CA LEU B 5 -8.30 -15.74 9.60
C LEU B 5 -8.74 -14.34 9.18
N GLY B 6 -9.08 -13.51 10.16
CA GLY B 6 -9.48 -12.14 9.88
C GLY B 6 -8.38 -11.16 10.26
N PHE B 7 -8.35 -10.02 9.59
CA PHE B 7 -7.40 -8.96 9.93
C PHE B 7 -8.05 -7.58 9.79
N ILE B 8 -8.27 -6.93 10.92
CA ILE B 8 -8.78 -5.57 10.94
C ILE B 8 -7.62 -4.59 11.02
N LEU B 9 -7.43 -3.80 9.97
CA LEU B 9 -6.35 -2.81 9.96
C LEU B 9 -6.90 -1.41 9.75
N PRO B 10 -6.14 -0.38 10.16
CA PRO B 10 -6.66 0.99 10.12
C PRO B 10 -6.51 1.73 8.79
N ASP B 11 -5.53 1.37 7.97
CA ASP B 11 -5.27 2.15 6.77
C ASP B 11 -4.65 1.30 5.65
N LEU B 12 -5.45 1.03 4.63
CA LEU B 12 -5.02 0.22 3.49
C LEU B 12 -3.93 0.90 2.68
N GLU B 13 -3.90 2.22 2.71
CA GLU B 13 -2.89 2.98 1.97
C GLU B 13 -1.64 3.28 2.78
N ASN B 14 -1.59 2.78 4.02
CA ASN B 14 -0.36 2.78 4.78
C ASN B 14 0.40 1.50 4.45
N PRO B 15 1.51 1.62 3.71
CA PRO B 15 2.26 0.47 3.19
C PRO B 15 2.72 -0.53 4.26
N SER B 16 2.94 -0.06 5.48
CA SER B 16 3.35 -0.99 6.54
C SER B 16 2.24 -1.99 6.84
N TYR B 17 1.00 -1.52 6.85
CA TYR B 17 -0.12 -2.39 7.10
C TYR B 17 -0.35 -3.39 5.97
N ALA B 18 -0.13 -2.95 4.72
CA ALA B 18 -0.28 -3.82 3.57
C ALA B 18 0.82 -4.86 3.58
N ARG B 19 2.01 -4.44 3.97
CA ARG B 19 3.16 -5.34 4.09
C ARG B 19 2.87 -6.43 5.12
N ILE B 20 2.38 -6.02 6.29
CA ILE B 20 2.06 -6.97 7.33
C ILE B 20 0.94 -7.89 6.88
N ALA B 21 -0.11 -7.32 6.30
CA ALA B 21 -1.23 -8.11 5.80
C ALA B 21 -0.76 -9.14 4.77
N LYS B 22 0.05 -8.71 3.81
CA LYS B 22 0.57 -9.62 2.80
C LYS B 22 1.36 -10.73 3.46
N GLN B 23 2.15 -10.36 4.45
CA GLN B 23 3.01 -11.32 5.15
C GLN B 23 2.15 -12.33 5.91
N LEU B 24 1.13 -11.84 6.59
CA LEU B 24 0.18 -12.68 7.32
C LEU B 24 -0.49 -13.63 6.33
N GLU B 25 -0.93 -13.07 5.22
CA GLU B 25 -1.59 -13.82 4.16
C GLU B 25 -0.75 -14.98 3.63
N GLN B 26 0.52 -14.70 3.31
CA GLN B 26 1.39 -15.72 2.74
C GLN B 26 1.69 -16.85 3.73
N GLY B 27 2.03 -16.49 4.96
CA GLY B 27 2.30 -17.48 5.99
C GLY B 27 1.06 -18.32 6.28
N ALA B 28 -0.09 -17.67 6.37
CA ALA B 28 -1.33 -18.37 6.65
C ALA B 28 -1.64 -19.41 5.58
N ARG B 29 -1.46 -19.03 4.31
CA ARG B 29 -1.72 -19.92 3.19
C ARG B 29 -0.84 -21.17 3.28
N ALA B 30 0.42 -20.98 3.67
CA ALA B 30 1.36 -22.08 3.83
C ALA B 30 0.97 -22.98 5.00
N ARG B 31 0.03 -22.52 5.81
CA ARG B 31 -0.44 -23.29 6.96
C ARG B 31 -1.85 -23.83 6.73
N GLY B 32 -2.37 -23.62 5.52
CA GLY B 32 -3.68 -24.09 5.16
C GLY B 32 -4.81 -23.12 5.48
N TYR B 33 -4.47 -21.86 5.71
CA TYR B 33 -5.47 -20.86 6.10
C TYR B 33 -5.65 -19.74 5.06
N GLN B 34 -6.86 -19.19 5.02
CA GLN B 34 -7.17 -18.05 4.15
C GLN B 34 -7.34 -16.79 4.99
N LEU B 35 -6.91 -15.65 4.46
CA LEU B 35 -7.02 -14.39 5.20
C LEU B 35 -8.04 -13.45 4.58
N LEU B 36 -8.95 -12.96 5.41
CA LEU B 36 -9.91 -11.94 5.00
C LEU B 36 -9.56 -10.61 5.66
N ILE B 37 -9.36 -9.58 4.85
CA ILE B 37 -8.85 -8.30 5.33
C ILE B 37 -9.90 -7.20 5.25
N ALA B 38 -9.94 -6.34 6.25
CA ALA B 38 -10.85 -5.20 6.25
C ALA B 38 -10.23 -4.03 6.99
N SER B 39 -10.67 -2.83 6.63
CA SER B 39 -10.14 -1.62 7.23
C SER B 39 -11.20 -0.83 7.98
N SER B 40 -10.80 -0.28 9.12
CA SER B 40 -11.68 0.52 9.97
C SER B 40 -11.43 2.00 9.74
N ASP B 41 -10.43 2.31 8.93
CA ASP B 41 -9.99 3.69 8.73
C ASP B 41 -9.68 4.41 10.04
N ASP B 42 -9.26 3.65 11.06
CA ASP B 42 -8.90 4.22 12.34
C ASP B 42 -10.08 4.90 13.03
N GLN B 43 -11.29 4.49 12.68
CA GLN B 43 -12.48 5.02 13.34
C GLN B 43 -13.15 3.96 14.20
N PRO B 44 -13.41 4.30 15.47
CA PRO B 44 -14.02 3.37 16.42
C PRO B 44 -15.33 2.77 15.92
N ASP B 45 -16.25 3.60 15.42
CA ASP B 45 -17.53 3.11 14.93
C ASP B 45 -17.34 2.03 13.86
N SER B 46 -16.55 2.33 12.84
CA SER B 46 -16.31 1.43 11.73
C SER B 46 -15.65 0.11 12.17
N GLU B 47 -14.71 0.21 13.10
CA GLU B 47 -14.06 -0.97 13.64
C GLU B 47 -15.08 -1.87 14.32
N ARG B 48 -16.01 -1.28 15.06
CA ARG B 48 -17.01 -2.05 15.77
C ARG B 48 -17.92 -2.79 14.79
N GLN B 49 -18.23 -2.14 13.67
CA GLN B 49 -19.01 -2.79 12.62
C GLN B 49 -18.30 -4.03 12.07
N LEU B 50 -16.97 -3.93 11.90
CA LEU B 50 -16.19 -5.05 11.42
C LEU B 50 -16.09 -6.16 12.47
N GLN B 51 -16.16 -5.76 13.74
CA GLN B 51 -16.09 -6.71 14.85
C GLN B 51 -17.21 -7.74 14.74
N GLN B 52 -18.43 -7.25 14.63
CA GLN B 52 -19.59 -8.12 14.51
C GLN B 52 -19.53 -8.93 13.22
N LEU B 53 -18.91 -8.37 12.19
CA LEU B 53 -18.80 -9.06 10.91
C LEU B 53 -17.92 -10.30 11.02
N PHE B 54 -16.68 -10.11 11.45
CA PHE B 54 -15.78 -11.25 11.61
C PHE B 54 -16.28 -12.23 12.67
N ARG B 55 -17.06 -11.72 13.61
CA ARG B 55 -17.64 -12.58 14.64
C ARG B 55 -18.68 -13.52 14.04
N ALA B 56 -19.56 -12.97 13.22
CA ALA B 56 -20.61 -13.74 12.57
C ALA B 56 -20.06 -14.62 11.46
N ARG B 57 -19.08 -14.08 10.74
CA ARG B 57 -18.43 -14.82 9.67
C ARG B 57 -17.76 -16.06 10.25
N ARG B 58 -17.60 -16.06 11.57
CA ARG B 58 -16.97 -17.17 12.29
C ARG B 58 -15.60 -17.53 11.72
N CYS B 59 -14.71 -16.54 11.67
CA CYS B 59 -13.31 -16.80 11.37
C CYS B 59 -12.69 -17.49 12.59
N ASP B 60 -11.64 -18.27 12.36
CA ASP B 60 -11.02 -19.03 13.45
C ASP B 60 -10.24 -18.13 14.41
N ALA B 61 -9.62 -17.09 13.88
CA ALA B 61 -8.89 -16.13 14.70
C ALA B 61 -8.95 -14.73 14.09
N LEU B 62 -8.81 -13.72 14.92
CA LEU B 62 -8.92 -12.33 14.47
C LEU B 62 -7.67 -11.53 14.82
N PHE B 63 -6.98 -11.04 13.79
CA PHE B 63 -5.90 -10.08 13.99
C PHE B 63 -6.49 -8.69 13.97
N VAL B 64 -6.00 -7.80 14.84
CA VAL B 64 -6.55 -6.46 14.88
C VAL B 64 -5.55 -5.42 15.37
N ALA B 65 -5.42 -4.35 14.60
CA ALA B 65 -4.73 -3.15 15.04
C ALA B 65 -5.82 -2.16 15.41
N SER B 66 -6.09 -2.03 16.70
CA SER B 66 -7.29 -1.34 17.15
C SER B 66 -7.11 0.15 17.39
N CYS B 67 -8.22 0.88 17.39
CA CYS B 67 -8.24 2.29 17.72
C CYS B 67 -9.24 2.58 18.83
N LEU B 68 -9.81 1.51 19.39
CA LEU B 68 -10.76 1.62 20.49
C LEU B 68 -10.09 2.05 21.78
N PRO B 69 -10.82 2.77 22.65
CA PRO B 69 -10.30 3.18 23.95
C PRO B 69 -9.94 1.97 24.80
N PRO B 70 -8.91 2.08 25.64
CA PRO B 70 -8.50 0.95 26.49
C PRO B 70 -9.64 0.46 27.38
N GLU B 71 -10.56 1.35 27.73
CA GLU B 71 -11.69 1.01 28.58
C GLU B 71 -12.68 0.10 27.86
N ASP B 72 -12.64 0.11 26.53
CA ASP B 72 -13.57 -0.67 25.71
C ASP B 72 -13.35 -2.18 25.88
N ASP B 73 -14.42 -2.87 26.27
CA ASP B 73 -14.38 -4.30 26.61
C ASP B 73 -14.67 -5.23 25.43
N SER B 74 -15.11 -4.67 24.30
CA SER B 74 -15.76 -5.45 23.25
C SER B 74 -15.05 -6.72 22.80
N TYR B 75 -13.73 -6.69 22.70
CA TYR B 75 -13.00 -7.89 22.27
C TYR B 75 -13.00 -9.00 23.31
N ARG B 76 -13.18 -8.63 24.57
CA ARG B 76 -13.26 -9.61 25.63
C ARG B 76 -14.42 -10.57 25.37
N GLU B 77 -15.51 -10.04 24.83
CA GLU B 77 -16.70 -10.85 24.57
C GLU B 77 -16.49 -11.87 23.45
N LEU B 78 -15.81 -11.46 22.37
CA LEU B 78 -15.52 -12.39 21.29
C LEU B 78 -14.62 -13.50 21.81
N GLN B 79 -13.62 -13.10 22.60
CA GLN B 79 -12.66 -14.03 23.17
C GLN B 79 -13.33 -15.06 24.08
N ASP B 80 -14.39 -14.63 24.76
CA ASP B 80 -15.14 -15.53 25.64
C ASP B 80 -16.01 -16.49 24.84
N LYS B 81 -16.38 -16.11 23.63
CA LYS B 81 -17.13 -17.00 22.74
C LYS B 81 -16.21 -17.95 22.00
N GLY B 82 -14.92 -17.90 22.32
CA GLY B 82 -13.97 -18.81 21.72
C GLY B 82 -13.05 -18.21 20.66
N LEU B 83 -13.34 -16.99 20.23
CA LEU B 83 -12.54 -16.33 19.20
C LEU B 83 -11.21 -15.81 19.73
N PRO B 84 -10.11 -16.45 19.32
CA PRO B 84 -8.78 -15.93 19.67
C PRO B 84 -8.53 -14.58 19.03
N VAL B 85 -8.18 -13.58 19.84
CA VAL B 85 -7.89 -12.25 19.32
C VAL B 85 -6.41 -11.94 19.48
N ILE B 86 -5.74 -11.63 18.36
CA ILE B 86 -4.33 -11.26 18.40
C ILE B 86 -4.15 -9.81 17.96
N ALA B 87 -3.71 -8.96 18.89
CA ALA B 87 -3.49 -7.55 18.59
C ALA B 87 -2.20 -7.38 17.81
N ILE B 88 -2.22 -6.46 16.85
CA ILE B 88 -1.02 -6.14 16.10
C ILE B 88 -0.79 -4.62 16.08
N ASP B 89 0.45 -4.21 16.28
CA ASP B 89 0.83 -2.81 16.24
C ASP B 89 0.32 -2.02 17.43
N ARG B 90 -0.99 -1.94 17.58
CA ARG B 90 -1.59 -1.34 18.78
C ARG B 90 -1.91 -2.44 19.78
N ARG B 91 -1.33 -2.36 20.98
CA ARG B 91 -1.52 -3.39 21.99
C ARG B 91 -2.92 -3.38 22.58
N LEU B 92 -3.43 -4.54 22.95
CA LEU B 92 -4.65 -4.65 23.73
C LEU B 92 -4.27 -4.98 25.19
N ASP B 93 -5.26 -4.99 26.07
CA ASP B 93 -5.04 -5.22 27.50
C ASP B 93 -4.08 -6.38 27.75
N PRO B 94 -2.92 -6.09 28.33
CA PRO B 94 -1.87 -7.09 28.58
C PRO B 94 -2.30 -8.19 29.55
N ALA B 95 -3.38 -7.94 30.29
CA ALA B 95 -3.85 -8.90 31.27
C ALA B 95 -4.79 -9.94 30.68
N HIS B 96 -5.20 -9.74 29.42
CA HIS B 96 -6.18 -10.63 28.79
C HIS B 96 -5.84 -10.98 27.33
N PHE B 97 -5.06 -10.13 26.66
CA PHE B 97 -4.77 -10.36 25.25
C PHE B 97 -3.30 -10.52 24.94
N CYS B 98 -3.01 -11.33 23.93
CA CYS B 98 -1.68 -11.41 23.37
C CYS B 98 -1.53 -10.34 22.29
N SER B 99 -0.44 -9.57 22.37
CA SER B 99 -0.18 -8.49 21.41
C SER B 99 1.23 -8.59 20.82
N VAL B 100 1.35 -8.26 19.54
CA VAL B 100 2.65 -8.18 18.87
C VAL B 100 2.86 -6.75 18.37
N ILE B 101 3.87 -6.07 18.90
CA ILE B 101 4.06 -4.65 18.61
C ILE B 101 5.53 -4.32 18.38
N SER B 102 5.82 -3.04 18.16
CA SER B 102 7.19 -2.56 18.06
C SER B 102 7.62 -1.89 19.36
N ASP B 103 8.92 -1.75 19.57
CA ASP B 103 9.45 -1.01 20.71
C ASP B 103 9.33 0.49 20.48
N ASP B 104 8.10 0.97 20.39
CA ASP B 104 7.86 2.36 19.99
C ASP B 104 8.61 3.41 20.84
N ARG B 105 8.62 3.24 22.15
CA ARG B 105 9.26 4.23 23.03
C ARG B 105 10.76 4.33 22.79
N ASP B 106 11.45 3.19 22.84
CA ASP B 106 12.88 3.16 22.61
C ASP B 106 13.27 3.60 21.20
N ALA B 107 12.48 3.20 20.21
CA ALA B 107 12.74 3.61 18.84
C ALA B 107 12.62 5.11 18.69
N SER B 108 11.57 5.70 19.27
CA SER B 108 11.35 7.13 19.20
C SER B 108 12.46 7.89 19.92
N ARG B 109 12.82 7.42 21.10
CA ARG B 109 13.87 8.05 21.89
C ARG B 109 15.17 8.04 21.10
N GLN B 110 15.52 6.89 20.55
CA GLN B 110 16.73 6.73 19.78
C GLN B 110 16.71 7.58 18.49
N LEU B 111 15.52 7.78 17.93
CA LEU B 111 15.38 8.59 16.72
C LEU B 111 15.64 10.06 17.04
N ALA B 112 15.04 10.56 18.10
CA ALA B 112 15.19 11.96 18.49
C ALA B 112 16.61 12.29 18.97
N ALA B 113 17.27 11.31 19.58
CA ALA B 113 18.63 11.50 20.07
C ALA B 113 19.60 11.76 18.92
N SER B 114 19.47 11.00 17.83
CA SER B 114 20.39 11.11 16.71
C SER B 114 20.31 12.47 16.03
N LEU B 115 19.20 13.17 16.23
CA LEU B 115 19.04 14.50 15.68
C LEU B 115 19.67 15.57 16.58
N LEU B 116 19.67 15.31 17.89
CA LEU B 116 20.24 16.24 18.86
C LEU B 116 21.75 16.37 18.73
N SER B 117 22.40 15.26 18.41
CA SER B 117 23.85 15.23 18.29
C SER B 117 24.33 16.07 17.11
N SER B 118 23.49 17.01 16.69
CA SER B 118 23.79 17.85 15.54
C SER B 118 23.37 19.30 15.76
N ALA B 119 23.34 19.73 17.02
CA ALA B 119 23.21 21.13 17.40
C ALA B 119 21.82 21.77 17.40
N PRO B 120 20.75 20.97 17.25
CA PRO B 120 19.44 21.60 17.05
C PRO B 120 19.12 22.75 18.00
N ARG B 121 18.84 23.91 17.45
CA ARG B 121 18.34 25.03 18.24
C ARG B 121 16.92 24.69 18.69
N SER B 122 16.07 24.46 17.70
CA SER B 122 14.69 24.06 17.94
C SER B 122 14.50 22.62 17.45
N ILE B 123 13.48 21.96 17.98
CA ILE B 123 13.15 20.62 17.54
C ILE B 123 11.66 20.36 17.74
N ALA B 124 11.05 19.61 16.84
CA ALA B 124 9.62 19.36 16.94
C ALA B 124 9.23 17.90 16.70
N LEU B 125 8.10 17.52 17.27
CA LEU B 125 7.50 16.22 17.01
C LEU B 125 6.19 16.43 16.25
N ILE B 126 6.02 15.67 15.17
CA ILE B 126 4.76 15.67 14.44
C ILE B 126 4.17 14.27 14.47
N GLY B 127 2.99 14.16 15.08
CA GLY B 127 2.34 12.87 15.26
C GLY B 127 0.84 12.99 15.11
N ALA B 128 0.11 11.98 15.59
CA ALA B 128 -1.33 11.93 15.39
C ALA B 128 -1.96 11.07 16.48
N ARG B 129 -3.24 11.31 16.75
CA ARG B 129 -3.99 10.46 17.67
C ARG B 129 -3.23 10.27 18.98
N PRO B 130 -3.04 11.35 19.75
CA PRO B 130 -2.25 11.30 20.98
C PRO B 130 -2.88 10.40 22.04
N GLU B 131 -4.17 10.11 21.90
CA GLU B 131 -4.87 9.27 22.86
C GLU B 131 -4.48 7.79 22.77
N LEU B 132 -3.97 7.37 21.62
CA LEU B 132 -3.56 5.97 21.43
C LEU B 132 -2.26 5.64 22.15
N SER B 133 -2.21 4.44 22.72
CA SER B 133 -1.02 3.96 23.40
C SER B 133 0.24 4.10 22.55
N VAL B 134 0.11 3.80 21.27
CA VAL B 134 1.26 3.82 20.36
C VAL B 134 1.86 5.23 20.25
N SER B 135 1.01 6.24 20.17
CA SER B 135 1.46 7.63 20.13
C SER B 135 2.04 8.11 21.46
N GLN B 136 1.44 7.67 22.55
CA GLN B 136 1.93 8.03 23.88
C GLN B 136 3.33 7.46 24.08
N ALA B 137 3.53 6.24 23.61
CA ALA B 137 4.83 5.58 23.71
C ALA B 137 5.88 6.31 22.89
N ARG B 138 5.50 6.78 21.71
CA ARG B 138 6.42 7.48 20.82
C ARG B 138 6.65 8.92 21.27
N ALA B 139 5.63 9.50 21.90
CA ALA B 139 5.77 10.84 22.48
C ALA B 139 6.67 10.79 23.70
N GLY B 140 6.44 9.79 24.56
CA GLY B 140 7.24 9.61 25.75
C GLY B 140 8.69 9.36 25.42
N GLY B 141 8.94 8.58 24.38
CA GLY B 141 10.29 8.31 23.94
C GLY B 141 10.97 9.58 23.48
N PHE B 142 10.25 10.38 22.69
CA PHE B 142 10.75 11.66 22.22
C PHE B 142 11.14 12.56 23.39
N ASP B 143 10.32 12.54 24.43
CA ASP B 143 10.57 13.35 25.62
C ASP B 143 11.78 12.88 26.42
N GLU B 144 11.92 11.57 26.57
CA GLU B 144 13.05 10.99 27.30
C GLU B 144 14.38 11.39 26.67
N ALA B 145 14.42 11.42 25.34
CA ALA B 145 15.63 11.81 24.62
C ALA B 145 15.96 13.27 24.87
N LEU B 146 14.95 14.01 25.32
CA LEU B 146 15.09 15.45 25.53
C LEU B 146 15.58 15.78 26.94
N GLN B 147 15.96 14.75 27.68
CA GLN B 147 16.45 14.93 29.04
C GLN B 147 17.53 16.00 29.07
N GLY B 148 17.23 17.12 29.72
CA GLY B 148 18.16 18.23 29.80
C GLY B 148 18.39 18.91 28.46
N TYR B 149 17.31 19.18 27.74
CA TYR B 149 17.38 19.95 26.50
C TYR B 149 16.91 21.38 26.76
N THR B 150 17.63 22.35 26.18
CA THR B 150 17.37 23.76 26.45
C THR B 150 16.76 24.54 25.27
N GLY B 151 16.82 23.97 24.07
CA GLY B 151 16.25 24.60 22.90
C GLY B 151 14.74 24.62 22.92
N GLU B 152 14.13 25.22 21.90
CA GLU B 152 12.68 25.27 21.79
C GLU B 152 12.12 23.91 21.36
N VAL B 153 11.05 23.49 22.01
CA VAL B 153 10.40 22.23 21.67
C VAL B 153 8.93 22.42 21.38
N ARG B 154 8.45 21.76 20.33
CA ARG B 154 7.04 21.81 19.98
C ARG B 154 6.54 20.44 19.57
N ARG B 155 5.34 20.11 20.03
CA ARG B 155 4.73 18.82 19.75
C ARG B 155 3.37 19.05 19.11
N TYR B 156 3.15 18.41 17.97
CA TYR B 156 1.87 18.49 17.27
C TYR B 156 1.24 17.10 17.08
N GLN B 157 0.11 16.89 17.74
CA GLN B 157 -0.62 15.64 17.63
C GLN B 157 -1.89 15.82 16.79
N GLY B 158 -1.82 15.43 15.53
CA GLY B 158 -2.95 15.58 14.61
C GLY B 158 -4.11 14.66 14.88
N GLU B 159 -5.16 14.80 14.06
CA GLU B 159 -6.38 14.01 14.23
C GLU B 159 -6.37 12.69 13.47
N ALA B 160 -5.28 12.40 12.77
CA ALA B 160 -5.18 11.15 12.02
C ALA B 160 -3.78 10.94 11.44
N PHE B 161 -3.35 9.69 11.39
CA PHE B 161 -2.09 9.34 10.74
C PHE B 161 -2.29 9.42 9.23
N SER B 162 -2.17 10.63 8.68
CA SER B 162 -2.39 10.81 7.25
C SER B 162 -1.42 11.82 6.64
N ARG B 163 -1.30 11.77 5.32
CA ARG B 163 -0.47 12.71 4.58
C ARG B 163 -1.03 14.11 4.72
N GLU B 164 -2.35 14.24 4.58
CA GLU B 164 -2.99 15.54 4.68
C GLU B 164 -2.76 16.15 6.06
N CYS B 165 -2.93 15.36 7.10
N CYS B 165 -2.92 15.34 7.10
CA CYS B 165 -2.69 15.85 8.46
CA CYS B 165 -2.69 15.79 8.46
C CYS B 165 -1.24 16.28 8.62
C CYS B 165 -1.25 16.26 8.63
N GLY B 166 -0.32 15.53 8.01
CA GLY B 166 1.08 15.87 8.06
C GLY B 166 1.37 17.21 7.39
N GLN B 167 0.66 17.47 6.30
CA GLN B 167 0.79 18.74 5.59
C GLN B 167 0.28 19.89 6.44
N ARG B 168 -0.89 19.69 7.06
CA ARG B 168 -1.49 20.70 7.93
C ARG B 168 -0.61 21.00 9.14
N LEU B 169 -0.16 19.95 9.82
CA LEU B 169 0.67 20.12 11.00
C LEU B 169 1.99 20.80 10.68
N MET B 170 2.59 20.43 9.54
CA MET B 170 3.84 21.06 9.12
C MET B 170 3.62 22.54 8.85
N GLN B 171 2.42 22.88 8.36
CA GLN B 171 2.06 24.27 8.09
C GLN B 171 1.91 25.07 9.38
N GLN B 172 1.22 24.50 10.36
CA GLN B 172 1.06 25.15 11.65
C GLN B 172 2.41 25.36 12.29
N LEU B 173 3.27 24.36 12.18
CA LEU B 173 4.60 24.40 12.78
C LEU B 173 5.43 25.53 12.20
N ILE B 174 5.38 25.67 10.87
CA ILE B 174 6.14 26.69 10.17
C ILE B 174 5.68 28.11 10.51
N ASP B 175 4.38 28.28 10.73
CA ASP B 175 3.82 29.58 11.11
C ASP B 175 4.15 29.89 12.56
N ASP B 176 4.12 28.88 13.41
CA ASP B 176 4.44 29.06 14.81
C ASP B 176 5.91 29.40 15.00
N LEU B 177 6.75 28.89 14.11
CA LEU B 177 8.18 29.11 14.18
C LEU B 177 8.64 30.29 13.31
N GLY B 178 7.79 30.71 12.38
CA GLY B 178 8.18 31.73 11.42
C GLY B 178 9.27 31.20 10.52
N GLY B 179 9.32 29.87 10.38
CA GLY B 179 10.32 29.21 9.58
C GLY B 179 10.48 27.76 10.00
N LEU B 180 11.34 27.03 9.30
CA LEU B 180 11.57 25.62 9.59
C LEU B 180 12.21 25.41 10.96
N PRO B 181 11.82 24.33 11.65
CA PRO B 181 12.50 23.95 12.88
C PRO B 181 13.90 23.48 12.55
N ASP B 182 14.80 23.45 13.52
CA ASP B 182 16.13 22.91 13.29
C ASP B 182 16.07 21.39 13.10
N ALA B 183 15.13 20.75 13.80
CA ALA B 183 14.99 19.30 13.73
C ALA B 183 13.53 18.88 13.84
N LEU B 184 13.17 17.81 13.15
CA LEU B 184 11.78 17.34 13.15
C LEU B 184 11.70 15.80 13.18
N VAL B 185 10.76 15.30 13.97
CA VAL B 185 10.52 13.86 14.07
C VAL B 185 9.06 13.57 13.74
N THR B 186 8.84 12.68 12.77
CA THR B 186 7.48 12.27 12.43
C THR B 186 7.25 10.84 12.89
N THR B 187 6.12 10.59 13.55
CA THR B 187 5.82 9.28 14.12
C THR B 187 5.32 8.24 13.12
N SER B 188 5.36 8.57 11.84
CA SER B 188 4.95 7.63 10.80
C SER B 188 5.30 8.19 9.44
N TYR B 189 5.67 7.32 8.51
CA TYR B 189 6.10 7.80 7.19
C TYR B 189 4.97 8.54 6.49
N VAL B 190 3.74 8.07 6.67
CA VAL B 190 2.59 8.72 6.07
C VAL B 190 2.54 10.20 6.45
N LEU B 191 2.89 10.50 7.70
CA LEU B 191 2.94 11.88 8.16
C LEU B 191 4.08 12.62 7.47
N LEU B 192 5.22 11.96 7.34
CA LEU B 192 6.38 12.57 6.71
C LEU B 192 6.07 12.98 5.26
N GLN B 193 5.18 12.24 4.60
CA GLN B 193 4.80 12.55 3.23
C GLN B 193 4.14 13.92 3.13
N GLY B 194 3.26 14.21 4.08
CA GLY B 194 2.58 15.50 4.13
C GLY B 194 3.57 16.61 4.45
N VAL B 195 4.57 16.28 5.27
CA VAL B 195 5.64 17.22 5.58
C VAL B 195 6.40 17.59 4.32
N PHE B 196 6.69 16.59 3.48
CA PHE B 196 7.40 16.84 2.23
C PHE B 196 6.60 17.77 1.33
N ASP B 197 5.28 17.58 1.30
CA ASP B 197 4.41 18.43 0.49
C ASP B 197 4.54 19.89 0.89
N THR B 198 4.65 20.15 2.19
CA THR B 198 4.79 21.52 2.66
C THR B 198 6.16 22.10 2.33
N LEU B 199 7.22 21.32 2.56
CA LEU B 199 8.57 21.78 2.25
C LEU B 199 8.65 22.06 0.76
N GLN B 200 7.89 21.30 -0.03
CA GLN B 200 7.87 21.43 -1.48
C GLN B 200 7.30 22.78 -1.89
N ALA B 201 6.23 23.20 -1.21
CA ALA B 201 5.55 24.44 -1.53
C ALA B 201 6.36 25.69 -1.17
N ARG B 202 7.59 25.47 -0.72
CA ARG B 202 8.52 26.57 -0.45
C ARG B 202 9.68 26.48 -1.45
N PRO B 203 10.44 27.56 -1.61
CA PRO B 203 11.58 27.57 -2.55
C PRO B 203 12.54 26.41 -2.31
N VAL B 204 13.28 26.00 -3.34
CA VAL B 204 14.22 24.89 -3.23
C VAL B 204 15.30 25.16 -2.19
N ASP B 205 15.76 26.42 -2.12
CA ASP B 205 16.77 26.82 -1.14
C ASP B 205 16.19 26.99 0.25
N SER B 206 14.97 26.52 0.45
CA SER B 206 14.27 26.72 1.72
C SER B 206 13.74 25.42 2.32
N ARG B 207 14.36 24.29 1.96
CA ARG B 207 13.89 22.98 2.42
C ARG B 207 15.02 22.12 2.98
N GLN B 208 15.57 22.51 4.12
CA GLN B 208 16.69 21.78 4.70
C GLN B 208 16.62 21.78 6.23
N LEU B 209 16.72 20.59 6.83
CA LEU B 209 16.61 20.44 8.28
C LEU B 209 16.95 19.01 8.72
N GLN B 210 17.25 18.85 10.00
CA GLN B 210 17.52 17.54 10.57
C GLN B 210 16.21 16.75 10.63
N LEU B 211 16.15 15.65 9.89
CA LEU B 211 14.89 14.92 9.71
C LEU B 211 14.98 13.46 10.16
N GLY B 212 13.98 13.04 10.94
CA GLY B 212 13.91 11.68 11.42
C GLY B 212 12.47 11.20 11.48
N THR B 213 12.24 9.94 11.13
CA THR B 213 10.87 9.44 11.00
C THR B 213 10.73 7.97 11.37
N PHE B 214 9.53 7.59 11.82
CA PHE B 214 9.16 6.19 11.90
C PHE B 214 8.84 5.70 10.49
N GLY B 215 9.14 4.43 10.22
CA GLY B 215 8.98 3.91 8.89
C GLY B 215 10.14 4.30 8.00
N ASP B 216 9.99 4.04 6.71
CA ASP B 216 11.04 4.29 5.73
C ASP B 216 10.42 4.07 4.35
N ASN B 217 11.12 4.49 3.31
CA ASN B 217 10.58 4.43 1.95
C ASN B 217 11.72 4.50 0.95
N GLN B 218 11.57 3.81 -0.17
CA GLN B 218 12.61 3.81 -1.20
C GLN B 218 12.99 5.23 -1.57
N LEU B 219 12.00 6.12 -1.51
CA LEU B 219 12.19 7.52 -1.85
C LEU B 219 13.40 8.09 -1.11
N LEU B 220 13.50 7.79 0.18
CA LEU B 220 14.53 8.38 1.03
C LEU B 220 15.95 8.05 0.57
N ASP B 221 16.08 7.04 -0.28
CA ASP B 221 17.39 6.68 -0.83
C ASP B 221 17.83 7.64 -1.93
N PHE B 222 16.90 8.48 -2.39
CA PHE B 222 17.15 9.35 -3.54
C PHE B 222 17.08 10.82 -3.17
N LEU B 223 16.38 11.14 -2.09
CA LEU B 223 16.18 12.52 -1.68
C LEU B 223 17.49 13.19 -1.29
N PRO B 224 17.75 14.40 -1.82
CA PRO B 224 18.94 15.16 -1.42
C PRO B 224 19.02 15.25 0.10
N LEU B 225 17.92 15.64 0.72
CA LEU B 225 17.85 15.75 2.17
C LEU B 225 17.92 14.37 2.82
N PRO B 226 18.91 14.16 3.69
CA PRO B 226 19.08 12.89 4.42
C PRO B 226 18.06 12.74 5.54
N VAL B 227 17.57 11.51 5.75
CA VAL B 227 16.51 11.26 6.73
C VAL B 227 16.75 9.96 7.51
N ASN B 228 16.87 10.06 8.83
CA ASN B 228 16.97 8.87 9.69
C ASN B 228 15.62 8.16 9.79
N ALA B 229 15.64 6.84 9.60
CA ALA B 229 14.38 6.08 9.57
C ALA B 229 14.38 4.87 10.51
N MET B 230 13.30 4.71 11.26
CA MET B 230 13.10 3.55 12.11
C MET B 230 12.05 2.62 11.49
N ALA B 231 12.52 1.59 10.79
CA ALA B 231 11.63 0.69 10.05
C ALA B 231 11.20 -0.54 10.87
N GLN B 232 9.92 -0.87 10.79
CA GLN B 232 9.42 -2.10 11.43
C GLN B 232 10.09 -3.31 10.83
N GLN B 233 10.07 -4.41 11.58
CA GLN B 233 10.37 -5.71 11.01
C GLN B 233 9.05 -6.38 10.67
N HIS B 234 8.49 -5.98 9.52
CA HIS B 234 7.15 -6.42 9.11
C HIS B 234 7.01 -7.93 9.10
N GLY B 235 7.99 -8.61 8.50
CA GLY B 235 7.95 -10.05 8.39
C GLY B 235 7.97 -10.71 9.75
N GLN B 236 8.78 -10.18 10.66
CA GLN B 236 8.89 -10.74 12.01
C GLN B 236 7.59 -10.54 12.79
N ILE B 237 7.03 -9.34 12.69
CA ILE B 237 5.78 -9.03 13.36
C ILE B 237 4.65 -9.97 12.90
N ALA B 238 4.56 -10.20 11.60
CA ALA B 238 3.53 -11.09 11.06
C ALA B 238 3.81 -12.54 11.43
N ALA B 239 5.09 -12.93 11.41
CA ALA B 239 5.48 -14.30 11.73
C ALA B 239 5.11 -14.64 13.16
N THR B 240 5.43 -13.72 14.07
CA THR B 240 5.16 -13.89 15.49
C THR B 240 3.65 -13.89 15.77
N ALA B 241 2.93 -13.01 15.09
CA ALA B 241 1.48 -12.90 15.27
C ALA B 241 0.76 -14.16 14.77
N LEU B 242 1.16 -14.65 13.61
CA LEU B 242 0.53 -15.86 13.07
C LEU B 242 0.79 -17.03 14.00
N GLU B 243 2.05 -17.19 14.42
CA GLU B 243 2.40 -18.20 15.43
C GLU B 243 1.32 -18.26 16.50
N LEU B 244 1.05 -17.10 17.10
CA LEU B 244 0.20 -17.02 18.28
C LEU B 244 -1.24 -17.43 18.00
N ALA B 245 -1.77 -17.01 16.85
CA ALA B 245 -3.15 -17.35 16.49
C ALA B 245 -3.28 -18.84 16.24
N LEU B 246 -2.27 -19.41 15.58
CA LEU B 246 -2.29 -20.83 15.27
C LEU B 246 -2.14 -21.68 16.52
N ALA B 247 -1.36 -21.21 17.48
CA ALA B 247 -1.20 -21.91 18.75
C ALA B 247 -2.53 -21.89 19.48
N ALA B 248 -3.19 -20.74 19.47
CA ALA B 248 -4.51 -20.61 20.08
C ALA B 248 -5.52 -21.53 19.41
N ILE B 249 -5.42 -21.63 18.09
CA ILE B 249 -6.36 -22.43 17.31
C ILE B 249 -6.09 -23.93 17.38
N GLU B 250 -4.84 -24.32 17.15
CA GLU B 250 -4.49 -25.73 17.00
C GLU B 250 -3.98 -26.40 18.27
N GLU B 251 -3.84 -25.63 19.34
CA GLU B 251 -3.33 -26.17 20.60
C GLU B 251 -4.05 -25.61 21.81
N LYS B 252 -5.11 -24.85 21.57
CA LYS B 252 -5.92 -24.27 22.63
C LYS B 252 -5.04 -23.68 23.72
N ARG B 253 -3.88 -23.17 23.34
CA ARG B 253 -3.05 -22.43 24.29
C ARG B 253 -2.95 -20.95 23.95
N TYR B 254 -3.15 -20.12 24.97
CA TYR B 254 -3.20 -18.68 24.79
C TYR B 254 -2.73 -18.05 26.09
N GLU B 255 -1.73 -17.17 25.99
CA GLU B 255 -1.13 -16.56 27.16
C GLU B 255 -1.02 -15.06 26.96
N PRO B 256 -1.80 -14.28 27.73
CA PRO B 256 -1.80 -12.83 27.57
C PRO B 256 -0.40 -12.27 27.67
N GLY B 257 -0.16 -11.11 27.06
CA GLY B 257 1.16 -10.49 27.12
C GLY B 257 1.58 -9.81 25.84
N VAL B 258 2.60 -8.96 25.94
CA VAL B 258 3.11 -8.23 24.80
C VAL B 258 4.39 -8.87 24.27
N HIS B 259 4.52 -8.90 22.95
CA HIS B 259 5.73 -9.37 22.30
C HIS B 259 6.26 -8.25 21.43
N ALA B 260 7.32 -7.59 21.91
CA ALA B 260 7.84 -6.43 21.22
C ALA B 260 8.91 -6.82 20.22
N VAL B 261 8.89 -6.17 19.07
CA VAL B 261 9.87 -6.40 18.01
C VAL B 261 10.54 -5.08 17.69
N GLY B 262 11.86 -5.04 17.84
CA GLY B 262 12.61 -3.81 17.66
C GLY B 262 12.56 -3.31 16.22
N ARG B 263 12.47 -2.00 16.06
CA ARG B 263 12.55 -1.39 14.74
C ARG B 263 14.02 -1.30 14.33
N THR B 264 14.25 -1.34 13.03
CA THR B 264 15.60 -1.22 12.48
C THR B 264 15.91 0.25 12.22
N PHE B 265 17.10 0.67 12.63
CA PHE B 265 17.51 2.06 12.52
C PHE B 265 18.37 2.32 11.28
N LYS B 266 17.82 3.07 10.33
CA LYS B 266 18.59 3.49 9.15
C LYS B 266 19.06 4.93 9.32
N GLN B 267 20.36 5.09 9.55
CA GLN B 267 20.93 6.41 9.81
C GLN B 267 21.48 7.05 8.53
N ARG B 268 20.63 7.81 7.85
CA ARG B 268 21.02 8.47 6.59
C ARG B 268 21.76 9.79 6.81
N ILE B 269 21.95 10.18 8.06
CA ILE B 269 22.60 11.45 8.36
C ILE B 269 23.89 11.25 9.18
N SER B 270 25.03 11.58 8.57
CA SER B 270 26.32 11.44 9.24
C SER B 270 26.61 12.60 10.18
C1 F1X C . -1.25 -1.15 -11.35
O1 F1X C . -0.05 -0.43 -11.09
P1 F1X C . 0.14 1.02 -11.77
C2 F1X C . -0.94 -2.26 -12.34
O2 F1X C . -0.07 -1.76 -13.36
C3 F1X C . -2.23 -2.77 -12.96
O3 F1X C . -2.68 -1.95 -14.04
C4 F1X C . -1.81 -4.15 -13.41
O4 F1X C . -2.90 -5.04 -13.66
C5 F1X C . -1.04 -4.55 -12.16
O5 F1X C . -0.33 -3.39 -11.72
C6 F1X C . -0.16 -5.73 -12.44
O6 F1X C . -0.97 -6.86 -12.16
O1P F1X C . 0.06 0.75 -13.25
O2P F1X C . -0.99 1.84 -11.23
O3P F1X C . 1.51 1.45 -11.32
C1 F1X D . 3.09 2.43 10.54
O1 F1X D . 3.90 3.25 9.69
P1 F1X D . 5.50 3.17 9.81
C2 F1X D . 2.57 3.24 11.72
O2 F1X D . 3.58 4.10 12.25
C3 F1X D . 2.11 2.30 12.83
O3 F1X D . 3.18 1.81 13.64
C4 F1X D . 1.13 3.19 13.55
O4 F1X D . 0.27 2.51 14.46
C5 F1X D . 0.40 3.60 12.29
O5 F1X D . 1.41 4.02 11.37
C6 F1X D . -0.73 4.58 12.55
O6 F1X D . -1.86 3.73 12.70
O1P F1X D . 5.77 3.52 11.25
O2P F1X D . 5.87 1.76 9.44
O3P F1X D . 5.96 4.20 8.81
#